data_2ZXT
#
_entry.id   2ZXT
#
_cell.length_a   41.263
_cell.length_b   101.403
_cell.length_c   109.355
_cell.angle_alpha   90.00
_cell.angle_beta   90.00
_cell.angle_gamma   90.00
#
_symmetry.space_group_name_H-M   'P 21 21 21'
#
loop_
_entity.id
_entity.type
_entity.pdbx_description
1 polymer 'Maltose-binding periplasmic protein, LINKER, Mitochondrial intermembrane space import and assembly protein 40'
2 branched alpha-D-glucopyranose-(1-4)-alpha-D-glucopyranose
3 water water
#
_entity_poly.entity_id   1
_entity_poly.type   'polypeptide(L)'
_entity_poly.pdbx_seq_one_letter_code
;KIEEGKLVIWINGDKGYNGLAEVGKKFEKDTGIKVTVEHPDKLEEKFPQVAATGDGPDIIFWAHDRFGGYAQSGLLAEIT
PDKAFQDKLYPFTWDAVRYNGKLIAYPIAVEALSLIYNKDLLPNPPKTWEEIPALDKELKAKGKSALMFNLQEPYFTWPL
IAADGGYAFKYENGKYDIKDVGVDNAGAKAGLTFLVDLIKNKHMNADTDYSIAEAAFNKGETAMTINGPWAWSNIDTSKV
NYGVTVLPTFKGQPSKPFVGVLSAGINAASPNKELAKEFLENYLLTDEGLEAVNKDKPLGAVALKSYEEELAKDPRIAAT
MENAQKGEIMPNIPQMSAFWYAVRTAVINAASGRQTVDEALKDAQTNSSSVPGRGSIEGRPEFAYNPDTGEINWDCPCLG
GMAHGPCGEEFKSAFSCFVYSEAEPKGIDCVEKFQHMQDCFRKYPEHYAEQLKETSDDEEPQDKV
;
_entity_poly.pdbx_strand_id   A
#
loop_
_chem_comp.id
_chem_comp.type
_chem_comp.name
_chem_comp.formula
GLC D-saccharide, alpha linking alpha-D-glucopyranose 'C6 H12 O6'
#
# COMPACT_ATOMS: atom_id res chain seq x y z
N GLU A 3 18.53 24.16 -2.03
CA GLU A 3 17.85 23.08 -1.25
C GLU A 3 16.94 23.67 -0.18
N GLU A 4 17.41 24.74 0.45
CA GLU A 4 16.65 25.42 1.52
C GLU A 4 15.66 26.44 0.96
N GLY A 5 15.94 26.97 -0.23
CA GLY A 5 15.09 27.97 -0.85
C GLY A 5 13.76 27.50 -1.44
N LYS A 6 13.60 26.19 -1.63
CA LYS A 6 12.43 25.72 -2.37
C LYS A 6 11.83 24.35 -1.97
N LEU A 7 10.70 24.00 -2.57
CA LEU A 7 10.01 22.73 -2.31
C LEU A 7 10.08 21.74 -3.47
N VAL A 8 10.40 20.49 -3.15
CA VAL A 8 10.35 19.39 -4.10
C VAL A 8 9.40 18.37 -3.51
N ILE A 9 8.23 18.21 -4.13
CA ILE A 9 7.25 17.28 -3.59
C ILE A 9 7.27 15.99 -4.41
N TRP A 10 6.94 14.87 -3.78
CA TRP A 10 6.81 13.60 -4.50
C TRP A 10 5.40 13.05 -4.39
N ILE A 11 4.95 12.44 -5.48
CA ILE A 11 3.60 11.87 -5.56
C ILE A 11 3.55 10.75 -6.63
N ASN A 12 2.68 9.77 -6.47
CA ASN A 12 2.63 8.63 -7.38
C ASN A 12 2.16 8.97 -8.80
N GLY A 13 2.66 8.21 -9.77
CA GLY A 13 2.39 8.47 -11.18
C GLY A 13 0.93 8.50 -11.62
N ASP A 14 0.07 7.82 -10.87
CA ASP A 14 -1.36 7.72 -11.23
C ASP A 14 -2.20 8.93 -10.81
N LYS A 15 -1.70 9.72 -9.86
CA LYS A 15 -2.43 10.88 -9.32
C LYS A 15 -2.13 12.16 -10.11
N GLY A 16 -2.87 13.22 -9.81
CA GLY A 16 -2.82 14.44 -10.60
C GLY A 16 -1.67 15.36 -10.25
N TYR A 17 -0.47 15.00 -10.70
CA TYR A 17 0.74 15.75 -10.38
C TYR A 17 0.89 17.09 -11.10
N ASN A 18 0.28 17.23 -12.27
CA ASN A 18 0.29 18.51 -12.98
C ASN A 18 -0.64 19.48 -12.27
N GLY A 19 -1.74 18.95 -11.75
CA GLY A 19 -2.74 19.73 -11.06
C GLY A 19 -2.20 20.18 -9.72
N LEU A 20 -1.28 19.40 -9.18
CA LEU A 20 -0.56 19.79 -7.98
C LEU A 20 0.48 20.84 -8.36
N ALA A 21 1.06 20.69 -9.54
CA ALA A 21 2.00 21.68 -10.08
C ALA A 21 1.31 23.04 -10.25
N GLU A 22 0.01 23.01 -10.49
CA GLU A 22 -0.76 24.25 -10.58
C GLU A 22 -0.87 24.93 -9.22
N VAL A 23 -0.97 24.12 -8.16
CA VAL A 23 -0.99 24.65 -6.80
C VAL A 23 0.40 25.22 -6.49
N GLY A 24 1.44 24.46 -6.83
CA GLY A 24 2.83 24.89 -6.69
C GLY A 24 3.20 26.22 -7.34
N LYS A 25 2.60 26.53 -8.49
CA LYS A 25 2.85 27.80 -9.18
C LYS A 25 2.09 28.92 -8.48
N LYS A 26 0.92 28.58 -7.97
CA LYS A 26 0.06 29.50 -7.21
C LYS A 26 0.77 29.93 -5.93
N PHE A 27 1.46 28.96 -5.31
CA PHE A 27 2.33 29.20 -4.18
C PHE A 27 3.49 30.11 -4.60
N GLU A 28 4.23 29.72 -5.64
CA GLU A 28 5.40 30.47 -6.11
C GLU A 28 5.09 31.95 -6.19
N LYS A 29 3.99 32.26 -6.88
CA LYS A 29 3.51 33.63 -7.06
C LYS A 29 3.56 34.49 -5.79
N ASP A 30 2.82 34.11 -4.74
CA ASP A 30 2.71 35.00 -3.58
C ASP A 30 3.64 34.69 -2.41
N THR A 31 4.59 33.77 -2.62
CA THR A 31 5.64 33.50 -1.63
C THR A 31 7.05 33.61 -2.22
N GLY A 32 7.14 33.60 -3.55
CA GLY A 32 8.43 33.59 -4.25
C GLY A 32 9.22 32.34 -3.96
N ILE A 33 8.53 31.21 -3.93
CA ILE A 33 9.13 29.91 -3.62
C ILE A 33 8.73 28.88 -4.67
N LYS A 34 9.69 28.53 -5.52
CA LYS A 34 9.55 27.50 -6.55
C LYS A 34 9.14 26.16 -5.92
N VAL A 35 8.17 25.48 -6.54
CA VAL A 35 7.69 24.17 -6.08
C VAL A 35 7.70 23.14 -7.23
N THR A 36 8.58 22.15 -7.13
CA THR A 36 8.69 21.14 -8.19
C THR A 36 8.00 19.86 -7.76
N VAL A 37 7.16 19.34 -8.65
CA VAL A 37 6.50 18.06 -8.42
C VAL A 37 7.20 17.00 -9.26
N GLU A 38 7.54 15.89 -8.62
CA GLU A 38 8.18 14.75 -9.29
C GLU A 38 7.42 13.46 -9.01
N HIS A 39 7.42 12.57 -10.00
CA HIS A 39 6.70 11.31 -9.88
C HIS A 39 7.57 10.12 -10.28
N PRO A 40 8.45 9.69 -9.35
CA PRO A 40 9.36 8.60 -9.64
C PRO A 40 8.65 7.25 -9.64
N ASP A 41 9.39 6.18 -9.92
CA ASP A 41 8.85 4.82 -9.85
C ASP A 41 9.19 4.25 -8.50
N LYS A 42 8.27 3.45 -7.99
CA LYS A 42 8.39 2.79 -6.68
C LYS A 42 8.88 3.73 -5.57
N LEU A 43 8.19 4.86 -5.41
CA LEU A 43 8.60 5.89 -4.47
C LEU A 43 8.31 5.52 -3.02
N GLU A 44 7.31 4.69 -2.80
CA GLU A 44 7.04 4.18 -1.44
C GLU A 44 8.23 3.40 -0.87
N GLU A 45 8.97 2.76 -1.76
CA GLU A 45 10.18 2.03 -1.42
C GLU A 45 11.41 2.93 -1.59
N LYS A 46 11.39 3.76 -2.63
CA LYS A 46 12.47 4.69 -2.91
C LYS A 46 12.71 5.68 -1.77
N PHE A 47 11.63 6.20 -1.18
CA PHE A 47 11.74 7.20 -0.11
C PHE A 47 12.64 6.81 1.08
N PRO A 48 12.45 5.61 1.69
CA PRO A 48 13.31 5.28 2.84
C PRO A 48 14.78 5.03 2.46
N GLN A 49 15.04 4.77 1.18
CA GLN A 49 16.40 4.60 0.66
C GLN A 49 17.11 5.94 0.71
N VAL A 50 16.72 6.82 -0.21
CA VAL A 50 17.37 8.12 -0.35
C VAL A 50 17.23 9.02 0.88
N ALA A 51 16.18 8.80 1.68
CA ALA A 51 15.86 9.69 2.82
C ALA A 51 17.02 9.84 3.79
N ALA A 52 17.53 8.71 4.27
CA ALA A 52 18.66 8.75 5.18
C ALA A 52 20.00 8.86 4.44
N THR A 53 20.02 8.49 3.15
CA THR A 53 21.27 8.42 2.39
C THR A 53 21.50 9.61 1.42
N GLY A 54 21.18 10.81 1.87
CA GLY A 54 21.37 12.01 1.05
C GLY A 54 20.06 12.68 0.64
N ASP A 55 19.85 12.84 -0.67
CA ASP A 55 18.66 13.53 -1.18
C ASP A 55 17.37 12.71 -1.07
N GLY A 56 16.39 13.25 -0.33
CA GLY A 56 14.99 12.80 -0.37
C GLY A 56 14.17 14.03 -0.73
N PRO A 57 12.84 13.90 -0.87
CA PRO A 57 12.04 15.08 -1.18
C PRO A 57 11.71 15.90 0.07
N ASP A 58 11.15 17.08 -0.12
CA ASP A 58 10.68 17.89 1.00
C ASP A 58 9.40 17.31 1.56
N ILE A 59 8.43 17.08 0.69
CA ILE A 59 7.16 16.47 1.08
C ILE A 59 6.80 15.26 0.21
N ILE A 60 6.23 14.23 0.83
CA ILE A 60 5.95 12.95 0.17
C ILE A 60 4.48 12.53 0.28
N PHE A 61 3.83 12.33 -0.87
CA PHE A 61 2.45 11.86 -0.91
C PHE A 61 2.40 10.34 -1.08
N TRP A 62 1.61 9.70 -0.23
CA TRP A 62 1.29 8.28 -0.37
C TRP A 62 0.04 7.93 0.44
N ALA A 63 -0.54 6.75 0.21
CA ALA A 63 -1.60 6.24 1.07
C ALA A 63 -1.04 6.03 2.49
N HIS A 64 -1.89 6.25 3.49
CA HIS A 64 -1.42 6.32 4.88
C HIS A 64 -0.74 5.05 5.40
N ASP A 65 -0.99 3.91 4.76
CA ASP A 65 -0.52 2.63 5.33
C ASP A 65 1.00 2.58 5.53
N ARG A 66 1.74 3.31 4.69
CA ARG A 66 3.18 3.23 4.73
C ARG A 66 3.82 4.19 5.70
N PHE A 67 3.04 5.14 6.19
CA PHE A 67 3.58 6.23 6.98
C PHE A 67 4.06 5.84 8.38
N GLY A 68 3.39 4.88 9.01
CA GLY A 68 3.79 4.39 10.32
C GLY A 68 5.21 3.85 10.26
N GLY A 69 5.49 3.09 9.21
CA GLY A 69 6.85 2.61 8.92
C GLY A 69 7.86 3.74 8.86
N TYR A 70 7.65 4.71 7.97
CA TYR A 70 8.53 5.87 7.87
C TYR A 70 8.65 6.61 9.20
N ALA A 71 7.54 6.69 9.95
CA ALA A 71 7.56 7.35 11.24
C ALA A 71 8.43 6.59 12.23
N GLN A 72 8.32 5.27 12.25
CA GLN A 72 9.17 4.41 13.07
C GLN A 72 10.64 4.59 12.69
N SER A 73 10.93 4.65 11.40
CA SER A 73 12.30 4.87 10.92
C SER A 73 12.82 6.31 11.10
N GLY A 74 12.03 7.17 11.75
CA GLY A 74 12.38 8.57 12.00
C GLY A 74 12.56 9.44 10.75
N LEU A 75 11.83 9.10 9.68
CA LEU A 75 12.00 9.76 8.39
C LEU A 75 11.06 10.94 8.17
N LEU A 76 10.20 11.21 9.16
CA LEU A 76 9.15 12.22 9.02
C LEU A 76 9.19 13.28 10.11
N ALA A 77 8.96 14.52 9.75
CA ALA A 77 8.73 15.56 10.75
C ALA A 77 7.32 15.40 11.30
N GLU A 78 7.19 15.51 12.61
CA GLU A 78 5.88 15.56 13.25
C GLU A 78 5.21 16.84 12.79
N ILE A 79 3.90 16.80 12.61
CA ILE A 79 3.18 17.92 12.05
C ILE A 79 2.45 18.71 13.14
N THR A 80 2.31 20.02 12.92
CA THR A 80 1.75 20.92 13.94
C THR A 80 0.56 21.75 13.45
N PRO A 81 -0.53 21.08 12.99
CA PRO A 81 -1.72 21.84 12.62
C PRO A 81 -2.53 22.24 13.85
N ASP A 82 -2.68 23.53 14.09
CA ASP A 82 -3.37 24.01 15.29
C ASP A 82 -4.80 23.48 15.40
N LYS A 83 -5.42 23.66 16.57
CA LYS A 83 -6.71 23.05 16.89
C LYS A 83 -7.78 23.48 15.89
N ALA A 84 -7.72 24.75 15.49
CA ALA A 84 -8.61 25.33 14.48
C ALA A 84 -8.58 24.60 13.15
N PHE A 85 -7.38 24.33 12.63
CA PHE A 85 -7.22 23.68 11.34
C PHE A 85 -7.73 22.24 11.37
N GLN A 86 -7.51 21.55 12.50
CA GLN A 86 -7.89 20.16 12.67
C GLN A 86 -9.38 19.89 12.52
N ASP A 87 -10.19 20.91 12.78
CA ASP A 87 -11.64 20.80 12.65
C ASP A 87 -12.10 20.88 11.21
N LYS A 88 -11.23 21.36 10.32
CA LYS A 88 -11.54 21.46 8.89
C LYS A 88 -11.59 20.10 8.20
N LEU A 89 -11.07 19.07 8.87
CA LEU A 89 -10.98 17.73 8.31
C LEU A 89 -11.64 16.70 9.23
N TYR A 90 -12.10 15.59 8.63
CA TYR A 90 -12.80 14.57 9.38
C TYR A 90 -11.94 13.92 10.45
N PRO A 91 -12.49 13.74 11.67
CA PRO A 91 -11.82 13.00 12.76
C PRO A 91 -11.17 11.70 12.30
N PHE A 92 -11.90 10.89 11.52
CA PHE A 92 -11.41 9.56 11.14
C PHE A 92 -10.20 9.62 10.23
N THR A 93 -10.08 10.70 9.45
CA THR A 93 -8.91 10.88 8.57
C THR A 93 -7.68 11.28 9.38
N TRP A 94 -7.89 12.09 10.42
CA TRP A 94 -6.82 12.35 11.35
C TRP A 94 -6.35 11.06 11.98
N ASP A 95 -7.28 10.16 12.30
CA ASP A 95 -6.92 8.90 12.95
C ASP A 95 -5.96 8.08 12.12
N ALA A 96 -6.07 8.19 10.79
CA ALA A 96 -5.25 7.40 9.87
C ALA A 96 -3.79 7.86 9.82
N VAL A 97 -3.52 9.06 10.31
CA VAL A 97 -2.17 9.65 10.25
C VAL A 97 -1.56 9.89 11.65
N ARG A 98 -2.17 9.27 12.66
CA ARG A 98 -1.62 9.29 14.00
C ARG A 98 -0.86 7.98 14.21
N TYR A 99 0.40 8.11 14.61
CA TYR A 99 1.22 6.96 14.96
C TYR A 99 1.78 7.20 16.35
N ASN A 100 1.21 6.50 17.33
CA ASN A 100 1.55 6.68 18.76
C ASN A 100 1.27 8.10 19.22
N GLY A 101 -0.02 8.46 19.15
CA GLY A 101 -0.51 9.72 19.66
C GLY A 101 0.16 10.97 19.11
N LYS A 102 0.83 10.87 17.98
CA LYS A 102 1.29 12.07 17.31
C LYS A 102 1.07 12.04 15.80
N LEU A 103 0.51 13.13 15.27
CA LEU A 103 0.19 13.22 13.85
C LEU A 103 1.47 13.29 13.06
N ILE A 104 1.51 12.58 11.94
CA ILE A 104 2.72 12.41 11.14
C ILE A 104 2.55 12.81 9.66
N ALA A 105 1.30 13.01 9.23
CA ALA A 105 1.00 13.51 7.90
C ALA A 105 -0.35 14.20 7.85
N TYR A 106 -0.56 14.96 6.77
CA TYR A 106 -1.86 15.57 6.49
C TYR A 106 -2.67 14.60 5.64
N PRO A 107 -3.93 14.37 6.02
CA PRO A 107 -4.78 13.60 5.13
C PRO A 107 -5.36 14.48 4.00
N ILE A 108 -5.36 13.94 2.79
CA ILE A 108 -5.81 14.69 1.62
C ILE A 108 -7.16 14.21 1.14
N ALA A 109 -7.25 12.91 0.83
CA ALA A 109 -8.48 12.29 0.32
C ALA A 109 -8.54 10.79 0.64
N VAL A 110 -9.75 10.27 0.76
CA VAL A 110 -9.98 8.87 1.13
C VAL A 110 -10.43 8.07 -0.08
N GLU A 111 -9.63 7.06 -0.42
CA GLU A 111 -9.82 6.33 -1.65
C GLU A 111 -9.98 4.83 -1.46
N ALA A 112 -10.96 4.28 -2.16
CA ALA A 112 -11.27 2.87 -2.19
C ALA A 112 -11.62 2.58 -3.62
N LEU A 113 -11.22 1.42 -4.14
CA LEU A 113 -11.57 1.10 -5.51
C LEU A 113 -13.00 0.55 -5.59
N SER A 114 -13.57 0.61 -6.80
CA SER A 114 -14.95 0.20 -7.04
C SER A 114 -15.01 -0.68 -8.28
N LEU A 115 -16.18 -1.27 -8.50
CA LEU A 115 -16.45 -1.96 -9.75
C LEU A 115 -16.85 -0.95 -10.82
N ILE A 116 -16.13 -0.96 -11.93
CA ILE A 116 -16.42 -0.06 -13.02
C ILE A 116 -17.16 -0.78 -14.16
N TYR A 117 -18.47 -0.50 -14.24
CA TYR A 117 -19.37 -0.87 -15.34
C TYR A 117 -18.70 -0.82 -16.71
N ASN A 118 -19.47 -1.23 -17.71
CA ASN A 118 -19.37 -0.67 -19.05
C ASN A 118 -20.78 -0.72 -19.61
N LYS A 119 -21.53 0.37 -19.41
CA LYS A 119 -22.86 0.45 -19.98
C LYS A 119 -22.70 0.31 -21.49
N ASP A 120 -23.79 -0.02 -22.17
CA ASP A 120 -23.78 -0.37 -23.59
C ASP A 120 -23.35 -1.83 -23.81
N LEU A 121 -22.45 -2.31 -22.96
CA LEU A 121 -22.03 -3.71 -22.93
C LEU A 121 -22.80 -4.49 -21.87
N LEU A 122 -22.75 -3.99 -20.64
CA LEU A 122 -23.40 -4.65 -19.51
C LEU A 122 -24.29 -3.64 -18.78
N PRO A 123 -25.58 -3.60 -19.13
CA PRO A 123 -26.50 -2.61 -18.55
C PRO A 123 -26.81 -2.89 -17.08
N ASN A 124 -26.83 -4.16 -16.71
CA ASN A 124 -27.13 -4.54 -15.34
C ASN A 124 -25.91 -5.25 -14.76
N PRO A 125 -25.11 -4.51 -13.96
CA PRO A 125 -23.87 -5.03 -13.39
C PRO A 125 -24.13 -6.23 -12.48
N PRO A 126 -23.23 -7.25 -12.52
CA PRO A 126 -23.41 -8.41 -11.66
C PRO A 126 -23.41 -8.02 -10.20
N LYS A 127 -24.42 -8.49 -9.48
CA LYS A 127 -24.52 -8.30 -8.03
C LYS A 127 -23.45 -9.11 -7.31
N THR A 128 -23.20 -10.33 -7.79
CA THR A 128 -22.21 -11.20 -7.13
C THR A 128 -21.00 -11.46 -8.02
N TRP A 129 -19.92 -11.92 -7.38
CA TRP A 129 -18.70 -12.38 -8.05
C TRP A 129 -18.98 -13.61 -8.89
N GLU A 130 -19.34 -14.70 -8.23
CA GLU A 130 -19.44 -16.03 -8.83
C GLU A 130 -20.18 -16.11 -10.17
N GLU A 131 -20.93 -15.07 -10.51
CA GLU A 131 -21.61 -15.01 -11.80
C GLU A 131 -20.75 -14.43 -12.92
N ILE A 132 -19.52 -14.02 -12.59
CA ILE A 132 -18.57 -13.47 -13.57
C ILE A 132 -18.21 -14.49 -14.66
N PRO A 133 -17.83 -15.73 -14.27
CA PRO A 133 -17.47 -16.72 -15.28
C PRO A 133 -18.56 -16.97 -16.32
N ALA A 134 -19.81 -16.91 -15.88
CA ALA A 134 -20.97 -17.05 -16.77
C ALA A 134 -21.38 -15.71 -17.42
N LEU A 135 -20.51 -14.70 -17.31
CA LEU A 135 -20.72 -13.41 -17.97
C LEU A 135 -19.67 -13.22 -19.05
N ASP A 136 -18.45 -13.67 -18.77
CA ASP A 136 -17.39 -13.69 -19.76
C ASP A 136 -17.71 -14.75 -20.83
N LYS A 137 -18.34 -15.85 -20.42
CA LYS A 137 -18.73 -16.89 -21.37
C LYS A 137 -20.00 -16.53 -22.16
N GLU A 138 -20.81 -15.62 -21.63
CA GLU A 138 -21.98 -15.13 -22.38
C GLU A 138 -21.52 -14.13 -23.43
N LEU A 139 -20.37 -13.52 -23.19
CA LEU A 139 -19.84 -12.47 -24.03
C LEU A 139 -18.39 -12.78 -24.44
N LYS A 140 -18.23 -13.60 -25.47
CA LYS A 140 -16.92 -13.86 -26.07
C LYS A 140 -17.00 -14.39 -27.50
N ALA A 141 -16.45 -13.62 -28.44
CA ALA A 141 -16.38 -13.98 -29.87
C ALA A 141 -15.29 -13.15 -30.56
N LYS A 142 -15.01 -11.99 -29.98
CA LYS A 142 -13.86 -11.15 -30.29
C LYS A 142 -12.89 -11.30 -29.11
N GLY A 143 -12.43 -10.18 -28.58
CA GLY A 143 -11.79 -10.14 -27.26
C GLY A 143 -12.82 -9.53 -26.32
N LYS A 144 -14.02 -10.12 -26.30
CA LYS A 144 -15.22 -9.59 -25.64
C LYS A 144 -15.27 -9.85 -24.10
N SER A 145 -14.10 -9.77 -23.43
CA SER A 145 -13.94 -10.21 -22.03
C SER A 145 -14.64 -9.33 -21.00
N ALA A 146 -14.96 -9.91 -19.85
CA ALA A 146 -15.79 -9.27 -18.82
C ALA A 146 -15.02 -8.41 -17.79
N LEU A 147 -13.90 -8.89 -17.28
CA LEU A 147 -13.04 -8.01 -16.47
C LEU A 147 -11.54 -8.20 -16.65
N MET A 148 -10.81 -7.10 -16.46
CA MET A 148 -9.36 -7.07 -16.48
C MET A 148 -8.93 -6.03 -15.44
N PHE A 149 -8.38 -6.50 -14.33
CA PHE A 149 -7.79 -5.58 -13.37
C PHE A 149 -6.35 -5.96 -13.10
N ASN A 150 -5.61 -5.05 -12.48
CA ASN A 150 -4.21 -5.27 -12.18
C ASN A 150 -4.04 -6.48 -11.27
N LEU A 151 -3.40 -7.52 -11.80
CA LEU A 151 -3.14 -8.74 -11.04
C LEU A 151 -1.70 -8.76 -10.54
N GLN A 152 -0.98 -7.67 -10.79
CA GLN A 152 0.42 -7.50 -10.36
C GLN A 152 0.52 -6.87 -8.97
N GLU A 153 -0.50 -6.08 -8.62
CA GLU A 153 -0.54 -5.43 -7.32
C GLU A 153 -1.61 -6.03 -6.41
N PRO A 154 -1.21 -6.40 -5.18
CA PRO A 154 -2.10 -7.09 -4.25
C PRO A 154 -3.26 -6.21 -3.80
N TYR A 155 -3.08 -4.89 -3.87
CA TYR A 155 -4.12 -3.92 -3.52
C TYR A 155 -5.46 -4.23 -4.18
N PHE A 156 -5.38 -4.71 -5.43
CA PHE A 156 -6.55 -4.93 -6.27
C PHE A 156 -7.15 -6.31 -6.04
N THR A 157 -6.28 -7.29 -5.82
CA THR A 157 -6.76 -8.67 -5.63
C THR A 157 -7.39 -8.85 -4.25
N TRP A 158 -6.95 -8.01 -3.30
CA TRP A 158 -7.27 -8.20 -1.87
C TRP A 158 -8.75 -8.21 -1.50
N PRO A 159 -9.56 -7.27 -2.06
CA PRO A 159 -11.01 -7.23 -1.77
C PRO A 159 -11.69 -8.58 -1.89
N LEU A 160 -11.18 -9.43 -2.77
CA LEU A 160 -11.70 -10.78 -2.96
C LEU A 160 -11.26 -11.69 -1.80
N ILE A 161 -9.96 -11.70 -1.54
CA ILE A 161 -9.34 -12.53 -0.50
C ILE A 161 -9.94 -12.21 0.88
N ALA A 162 -10.32 -10.96 1.09
CA ALA A 162 -10.88 -10.50 2.36
C ALA A 162 -12.38 -10.80 2.52
N ALA A 163 -13.07 -10.99 1.39
CA ALA A 163 -14.52 -11.03 1.36
C ALA A 163 -15.12 -12.12 2.25
N ASP A 164 -14.43 -13.23 2.39
CA ASP A 164 -14.95 -14.36 3.12
C ASP A 164 -14.17 -14.70 4.41
N GLY A 165 -13.47 -13.72 4.96
CA GLY A 165 -12.80 -13.90 6.24
C GLY A 165 -11.32 -13.60 6.25
N GLY A 166 -10.79 -13.20 5.09
CA GLY A 166 -9.40 -12.77 5.02
C GLY A 166 -9.23 -11.40 5.66
N TYR A 167 -8.12 -11.22 6.37
CA TYR A 167 -7.76 -9.94 6.95
C TYR A 167 -6.27 -9.84 7.15
N ALA A 168 -5.77 -8.62 7.30
CA ALA A 168 -4.36 -8.42 7.55
C ALA A 168 -4.04 -8.66 9.03
N PHE A 169 -4.10 -7.61 9.84
CA PHE A 169 -3.84 -7.72 11.28
C PHE A 169 -5.12 -7.43 12.04
N LYS A 170 -5.46 -8.32 12.96
CA LYS A 170 -6.73 -8.23 13.70
C LYS A 170 -6.78 -6.95 14.50
N TYR A 171 -7.90 -6.24 14.42
CA TYR A 171 -8.05 -5.02 15.21
C TYR A 171 -8.73 -5.30 16.54
N GLU A 172 -7.90 -5.45 17.57
CA GLU A 172 -8.32 -5.92 18.88
C GLU A 172 -7.87 -4.96 19.98
N ASN A 173 -8.84 -4.40 20.70
CA ASN A 173 -8.57 -3.49 21.83
C ASN A 173 -7.92 -2.17 21.44
N GLY A 174 -8.43 -1.55 20.37
CA GLY A 174 -7.93 -0.25 19.92
C GLY A 174 -6.51 -0.20 19.36
N LYS A 175 -5.83 -1.35 19.32
CA LYS A 175 -4.55 -1.46 18.62
C LYS A 175 -4.48 -2.76 17.80
N TYR A 176 -3.88 -2.69 16.62
CA TYR A 176 -3.71 -3.84 15.73
C TYR A 176 -2.68 -4.81 16.32
N ASP A 177 -3.00 -6.10 16.30
CA ASP A 177 -2.14 -7.12 16.88
C ASP A 177 -1.34 -7.83 15.81
N ILE A 178 -0.05 -7.51 15.72
CA ILE A 178 0.85 -8.10 14.73
C ILE A 178 1.05 -9.61 14.83
N LYS A 179 0.52 -10.23 15.87
CA LYS A 179 0.58 -11.69 16.00
C LYS A 179 -0.65 -12.36 15.40
N ASP A 180 -1.72 -11.58 15.22
CA ASP A 180 -2.92 -12.15 14.66
C ASP A 180 -3.01 -11.81 13.17
N VAL A 181 -2.54 -12.73 12.33
CA VAL A 181 -2.59 -12.56 10.89
C VAL A 181 -3.63 -13.51 10.27
N GLY A 182 -4.51 -12.94 9.44
CA GLY A 182 -5.56 -13.72 8.76
C GLY A 182 -5.43 -13.85 7.25
N VAL A 183 -4.27 -14.28 6.77
CA VAL A 183 -4.11 -14.55 5.34
C VAL A 183 -4.02 -16.05 5.04
N ASP A 184 -4.05 -16.84 6.11
CA ASP A 184 -3.91 -18.26 6.02
C ASP A 184 -5.26 -18.93 6.10
N ASN A 185 -6.29 -18.17 6.44
CA ASN A 185 -7.56 -18.75 6.89
C ASN A 185 -8.53 -19.26 5.81
N ALA A 186 -9.46 -20.12 6.22
CA ALA A 186 -10.50 -20.66 5.34
C ALA A 186 -10.97 -19.64 4.31
N GLY A 187 -11.22 -18.41 4.77
CA GLY A 187 -11.75 -17.35 3.92
C GLY A 187 -10.79 -16.82 2.86
N ALA A 188 -9.60 -16.40 3.27
CA ALA A 188 -8.59 -15.94 2.33
C ALA A 188 -8.35 -17.01 1.27
N LYS A 189 -8.15 -18.23 1.76
CA LYS A 189 -7.92 -19.42 0.95
C LYS A 189 -9.00 -19.61 -0.12
N ALA A 190 -10.25 -19.29 0.21
CA ALA A 190 -11.38 -19.33 -0.73
C ALA A 190 -11.32 -18.20 -1.77
N GLY A 191 -11.01 -17.00 -1.32
CA GLY A 191 -10.89 -15.83 -2.18
C GLY A 191 -9.88 -16.11 -3.27
N LEU A 192 -8.71 -16.62 -2.88
CA LEU A 192 -7.63 -16.83 -3.82
C LEU A 192 -7.95 -17.95 -4.80
N THR A 193 -8.63 -18.99 -4.32
CA THR A 193 -8.99 -20.10 -5.20
C THR A 193 -9.84 -19.60 -6.37
N PHE A 194 -10.71 -18.63 -6.11
CA PHE A 194 -11.56 -18.09 -7.16
C PHE A 194 -10.72 -17.36 -8.19
N LEU A 195 -9.90 -16.43 -7.71
CA LEU A 195 -9.05 -15.68 -8.62
C LEU A 195 -8.26 -16.64 -9.51
N VAL A 196 -7.65 -17.65 -8.88
CA VAL A 196 -6.92 -18.69 -9.59
C VAL A 196 -7.81 -19.45 -10.58
N ASP A 197 -9.10 -19.61 -10.24
CA ASP A 197 -10.07 -20.28 -11.12
C ASP A 197 -10.57 -19.41 -12.29
N LEU A 198 -10.21 -18.13 -12.28
CA LEU A 198 -10.49 -17.26 -13.41
C LEU A 198 -9.37 -17.39 -14.42
N ILE A 199 -8.14 -17.43 -13.91
CA ILE A 199 -6.94 -17.63 -14.72
C ILE A 199 -6.89 -19.06 -15.28
N LYS A 200 -7.37 -20.01 -14.47
CA LYS A 200 -7.46 -21.42 -14.87
C LYS A 200 -8.45 -21.60 -16.03
N ASN A 201 -9.58 -20.91 -15.95
CA ASN A 201 -10.63 -21.04 -16.95
C ASN A 201 -10.53 -19.96 -18.03
N LYS A 202 -9.32 -19.40 -18.16
CA LYS A 202 -8.96 -18.46 -19.25
C LYS A 202 -9.76 -17.16 -19.27
N HIS A 203 -10.43 -16.85 -18.16
CA HIS A 203 -11.21 -15.62 -18.06
C HIS A 203 -10.32 -14.39 -17.83
N MET A 204 -9.15 -14.61 -17.23
CA MET A 204 -8.14 -13.57 -16.99
C MET A 204 -6.76 -14.08 -17.36
N ASN A 205 -5.83 -13.14 -17.50
CA ASN A 205 -4.45 -13.49 -17.78
C ASN A 205 -3.59 -13.16 -16.56
N ALA A 206 -2.84 -14.16 -16.08
CA ALA A 206 -2.01 -14.01 -14.88
C ALA A 206 -1.05 -12.82 -14.93
N ASP A 207 -0.62 -12.43 -16.12
CA ASP A 207 0.18 -11.21 -16.24
C ASP A 207 -0.57 -10.03 -16.85
N THR A 208 -1.55 -9.53 -16.10
CA THR A 208 -2.26 -8.32 -16.46
C THR A 208 -1.76 -7.20 -15.55
N ASP A 209 -1.12 -6.21 -16.17
CA ASP A 209 -0.54 -5.03 -15.50
C ASP A 209 -1.64 -4.01 -15.23
N TYR A 210 -1.29 -2.95 -14.51
CA TYR A 210 -2.15 -1.78 -14.45
C TYR A 210 -2.45 -1.25 -15.87
N SER A 211 -1.40 -1.03 -16.65
CA SER A 211 -1.51 -0.47 -17.99
C SER A 211 -2.34 -1.37 -18.89
N ILE A 212 -2.05 -2.67 -18.85
CA ILE A 212 -2.73 -3.65 -19.69
C ILE A 212 -4.22 -3.61 -19.41
N ALA A 213 -4.59 -3.59 -18.13
CA ALA A 213 -5.98 -3.48 -17.71
C ALA A 213 -6.65 -2.19 -18.16
N GLU A 214 -6.06 -1.03 -17.84
CA GLU A 214 -6.62 0.28 -18.22
C GLU A 214 -6.74 0.47 -19.74
N ALA A 215 -5.67 0.17 -20.46
CA ALA A 215 -5.62 0.32 -21.92
C ALA A 215 -6.66 -0.54 -22.62
N ALA A 216 -6.83 -1.76 -22.11
CA ALA A 216 -7.82 -2.68 -22.66
C ALA A 216 -9.26 -2.20 -22.41
N PHE A 217 -9.51 -1.64 -21.22
CA PHE A 217 -10.83 -1.13 -20.88
C PHE A 217 -11.15 0.14 -21.64
N ASN A 218 -10.26 1.13 -21.54
CA ASN A 218 -10.42 2.40 -22.25
C ASN A 218 -10.74 2.23 -23.74
N LYS A 219 -10.01 1.31 -24.40
CA LYS A 219 -10.27 0.97 -25.79
C LYS A 219 -11.66 0.37 -26.02
N GLY A 220 -12.22 -0.28 -25.01
CA GLY A 220 -13.60 -0.78 -25.07
C GLY A 220 -13.77 -2.28 -25.05
N GLU A 221 -12.68 -3.01 -24.80
CA GLU A 221 -12.68 -4.48 -24.83
C GLU A 221 -13.39 -5.16 -23.64
N THR A 222 -13.14 -4.71 -22.43
CA THR A 222 -13.71 -5.35 -21.23
C THR A 222 -14.97 -4.70 -20.70
N ALA A 223 -15.98 -5.54 -20.39
CA ALA A 223 -17.21 -5.05 -19.78
C ALA A 223 -17.00 -4.37 -18.42
N MET A 224 -15.95 -4.78 -17.71
CA MET A 224 -15.70 -4.31 -16.35
C MET A 224 -14.21 -4.12 -16.08
N THR A 225 -13.91 -3.30 -15.07
CA THR A 225 -12.59 -3.25 -14.46
C THR A 225 -12.72 -2.89 -12.99
N ILE A 226 -11.64 -3.11 -12.22
CA ILE A 226 -11.58 -2.70 -10.81
C ILE A 226 -10.41 -1.74 -10.60
N ASN A 227 -10.76 -0.49 -10.36
CA ASN A 227 -9.79 0.58 -10.20
C ASN A 227 -10.36 1.64 -9.27
N GLY A 228 -9.53 2.58 -8.85
CA GLY A 228 -9.92 3.61 -7.90
C GLY A 228 -10.28 4.91 -8.61
N PRO A 229 -10.51 5.98 -7.84
CA PRO A 229 -10.93 7.30 -8.33
C PRO A 229 -9.97 7.99 -9.31
N TRP A 230 -8.68 7.67 -9.24
CA TRP A 230 -7.66 8.28 -10.09
C TRP A 230 -7.75 7.81 -11.52
N ALA A 231 -8.57 6.79 -11.78
CA ALA A 231 -8.74 6.26 -13.13
C ALA A 231 -9.76 7.04 -13.95
N TRP A 232 -10.88 7.38 -13.32
CA TRP A 232 -12.02 8.06 -13.97
C TRP A 232 -11.66 9.05 -15.06
N SER A 233 -10.66 9.90 -14.76
CA SER A 233 -10.24 11.01 -15.63
C SER A 233 -9.87 10.58 -17.05
N ASN A 234 -9.31 9.38 -17.19
CA ASN A 234 -8.87 8.85 -18.47
C ASN A 234 -9.98 8.14 -19.20
N ILE A 235 -11.05 7.82 -18.46
CA ILE A 235 -12.22 7.16 -19.02
C ILE A 235 -13.26 8.19 -19.52
N ASP A 236 -13.23 9.38 -18.94
CA ASP A 236 -13.98 10.52 -19.50
C ASP A 236 -13.44 10.82 -20.89
N THR A 237 -12.11 10.91 -20.99
CA THR A 237 -11.38 11.04 -22.24
C THR A 237 -11.73 9.94 -23.25
N SER A 238 -11.78 8.71 -22.76
CA SER A 238 -12.17 7.54 -23.56
C SER A 238 -13.53 7.70 -24.22
N LYS A 239 -14.38 8.56 -23.62
CA LYS A 239 -15.77 8.81 -24.05
C LYS A 239 -16.66 7.56 -23.90
N VAL A 240 -16.14 6.59 -23.16
CA VAL A 240 -16.84 5.35 -22.80
C VAL A 240 -17.96 5.62 -21.80
N ASN A 241 -19.17 5.21 -22.16
CA ASN A 241 -20.35 5.32 -21.30
C ASN A 241 -20.24 4.39 -20.08
N TYR A 242 -19.45 4.80 -19.08
CA TYR A 242 -19.18 3.98 -17.89
C TYR A 242 -20.01 4.37 -16.67
N GLY A 243 -19.99 3.52 -15.66
CA GLY A 243 -20.62 3.80 -14.36
C GLY A 243 -19.77 3.24 -13.24
N VAL A 244 -20.01 3.69 -12.01
CA VAL A 244 -19.19 3.24 -10.87
C VAL A 244 -20.10 2.78 -9.75
N THR A 245 -19.86 1.56 -9.25
CA THR A 245 -20.79 0.91 -8.32
C THR A 245 -20.13 -0.05 -7.29
N VAL A 246 -20.94 -0.59 -6.39
CA VAL A 246 -20.51 -1.63 -5.44
C VAL A 246 -19.79 -2.74 -6.18
N LEU A 247 -18.76 -3.27 -5.55
CA LEU A 247 -18.08 -4.46 -6.04
C LEU A 247 -18.95 -5.67 -5.81
N PRO A 248 -18.84 -6.68 -6.70
CA PRO A 248 -19.59 -7.93 -6.58
C PRO A 248 -19.40 -8.64 -5.24
N THR A 249 -20.38 -9.45 -4.85
CA THR A 249 -20.39 -10.10 -3.53
C THR A 249 -19.99 -11.59 -3.56
N PHE A 250 -18.73 -11.86 -3.22
CA PHE A 250 -18.21 -13.22 -3.17
C PHE A 250 -18.76 -13.99 -1.98
N LYS A 251 -19.31 -15.17 -2.25
CA LYS A 251 -20.01 -16.00 -1.25
C LYS A 251 -21.07 -15.22 -0.45
N GLY A 252 -21.76 -14.30 -1.14
CA GLY A 252 -22.82 -13.52 -0.51
C GLY A 252 -22.31 -12.37 0.33
N GLN A 253 -21.22 -12.60 1.05
CA GLN A 253 -20.57 -11.54 1.80
C GLN A 253 -20.00 -10.46 0.86
N PRO A 254 -20.01 -9.20 1.33
CA PRO A 254 -19.44 -8.11 0.56
C PRO A 254 -17.94 -8.24 0.33
N SER A 255 -17.50 -7.72 -0.80
CA SER A 255 -16.09 -7.55 -1.12
C SER A 255 -15.54 -6.43 -0.25
N LYS A 256 -14.32 -6.62 0.27
CA LYS A 256 -13.75 -5.74 1.33
C LYS A 256 -12.46 -5.04 0.91
N PRO A 257 -12.56 -3.88 0.24
CA PRO A 257 -11.36 -3.16 -0.16
C PRO A 257 -10.62 -2.55 1.01
N PHE A 258 -9.29 -2.66 0.99
CA PHE A 258 -8.46 -1.94 1.92
C PHE A 258 -8.53 -0.45 1.56
N VAL A 259 -9.02 0.36 2.50
CA VAL A 259 -9.25 1.78 2.24
C VAL A 259 -8.00 2.63 2.47
N GLY A 260 -7.61 3.39 1.45
CA GLY A 260 -6.44 4.25 1.53
C GLY A 260 -6.83 5.69 1.79
N VAL A 261 -6.04 6.38 2.62
CA VAL A 261 -6.19 7.81 2.79
C VAL A 261 -4.93 8.47 2.25
N LEU A 262 -5.05 9.16 1.11
CA LEU A 262 -3.92 9.89 0.57
C LEU A 262 -3.45 10.89 1.62
N SER A 263 -2.16 10.83 1.90
CA SER A 263 -1.55 11.59 2.96
C SER A 263 -0.26 12.19 2.50
N ALA A 264 0.11 13.28 3.16
CA ALA A 264 1.23 14.11 2.75
C ALA A 264 2.15 14.22 3.94
N GLY A 265 3.33 13.62 3.85
CA GLY A 265 4.29 13.68 4.95
C GLY A 265 5.39 14.68 4.67
N ILE A 266 5.81 15.41 5.70
CA ILE A 266 7.01 16.24 5.59
C ILE A 266 8.22 15.43 6.05
N ASN A 267 9.29 15.50 5.26
CA ASN A 267 10.53 14.79 5.51
C ASN A 267 11.23 15.32 6.74
N ALA A 268 11.66 14.43 7.62
CA ALA A 268 12.42 14.83 8.82
C ALA A 268 13.65 15.68 8.50
N ALA A 269 14.23 15.45 7.31
CA ALA A 269 15.40 16.20 6.83
C ALA A 269 15.03 17.24 5.77
N SER A 270 13.94 17.97 6.01
CA SER A 270 13.53 19.02 5.07
C SER A 270 13.95 20.38 5.60
N PRO A 271 14.95 21.01 4.94
CA PRO A 271 15.45 22.32 5.33
C PRO A 271 14.30 23.30 5.48
N ASN A 272 13.26 23.10 4.67
CA ASN A 272 12.13 24.00 4.61
C ASN A 272 10.81 23.41 5.16
N LYS A 273 10.76 23.22 6.48
CA LYS A 273 9.64 22.61 7.18
C LYS A 273 8.50 23.61 7.45
N GLU A 274 8.84 24.90 7.50
CA GLU A 274 7.85 25.94 7.79
C GLU A 274 7.04 26.31 6.54
N LEU A 275 7.71 26.30 5.39
CA LEU A 275 7.06 26.56 4.12
C LEU A 275 6.17 25.38 3.74
N ALA A 276 6.61 24.17 4.04
CA ALA A 276 5.81 22.97 3.76
C ALA A 276 4.44 23.05 4.42
N LYS A 277 4.40 23.50 5.68
CA LYS A 277 3.14 23.71 6.40
C LYS A 277 2.29 24.72 5.64
N GLU A 278 2.83 25.91 5.37
CA GLU A 278 2.15 26.92 4.55
C GLU A 278 1.52 26.29 3.32
N PHE A 279 2.33 25.62 2.51
CA PHE A 279 1.85 24.98 1.31
C PHE A 279 0.61 24.11 1.58
N LEU A 280 0.80 23.03 2.34
CA LEU A 280 -0.25 22.04 2.56
C LEU A 280 -1.51 22.60 3.24
N GLU A 281 -1.33 23.24 4.39
CA GLU A 281 -2.46 23.78 5.14
C GLU A 281 -3.20 24.88 4.39
N ASN A 282 -2.45 25.74 3.70
CA ASN A 282 -3.00 27.02 3.21
C ASN A 282 -3.12 27.18 1.70
N TYR A 283 -2.74 26.16 0.94
CA TYR A 283 -2.87 26.19 -0.52
C TYR A 283 -3.45 24.90 -1.06
N LEU A 284 -2.98 23.77 -0.57
CA LEU A 284 -3.50 22.50 -1.02
C LEU A 284 -4.82 22.20 -0.34
N LEU A 285 -4.82 22.12 0.98
CA LEU A 285 -6.03 21.78 1.72
C LEU A 285 -6.96 22.98 1.81
N THR A 286 -7.11 23.67 0.69
CA THR A 286 -8.15 24.64 0.50
C THR A 286 -9.04 24.10 -0.62
N ASP A 287 -10.25 24.65 -0.76
CA ASP A 287 -11.20 24.17 -1.78
C ASP A 287 -10.63 24.38 -3.19
N GLU A 288 -10.16 25.61 -3.43
CA GLU A 288 -9.56 25.98 -4.71
C GLU A 288 -8.28 25.18 -4.93
N GLY A 289 -7.69 24.70 -3.83
CA GLY A 289 -6.50 23.87 -3.87
C GLY A 289 -6.80 22.45 -4.29
N LEU A 290 -7.73 21.80 -3.59
CA LEU A 290 -8.06 20.40 -3.84
C LEU A 290 -8.72 20.18 -5.19
N GLU A 291 -9.45 21.19 -5.65
CA GLU A 291 -10.11 21.14 -6.95
C GLU A 291 -9.10 21.13 -8.09
N ALA A 292 -8.01 21.87 -7.92
CA ALA A 292 -6.96 21.92 -8.95
C ALA A 292 -6.45 20.52 -9.26
N VAL A 293 -6.19 19.75 -8.19
CA VAL A 293 -5.71 18.38 -8.27
C VAL A 293 -6.82 17.48 -8.80
N ASN A 294 -7.95 17.52 -8.10
CA ASN A 294 -9.13 16.73 -8.45
C ASN A 294 -9.52 16.84 -9.93
N LYS A 295 -9.50 18.06 -10.49
CA LYS A 295 -9.66 18.28 -11.93
C LYS A 295 -8.75 17.38 -12.76
N ASP A 296 -7.50 17.28 -12.36
CA ASP A 296 -6.50 16.47 -13.07
C ASP A 296 -6.74 14.95 -12.88
N LYS A 297 -6.50 14.43 -11.68
CA LYS A 297 -6.85 13.04 -11.37
C LYS A 297 -7.63 13.01 -10.07
N PRO A 298 -8.91 12.59 -10.14
CA PRO A 298 -9.84 12.64 -9.02
C PRO A 298 -9.29 11.93 -7.78
N LEU A 299 -9.27 12.67 -6.68
CA LEU A 299 -8.70 12.21 -5.43
C LEU A 299 -9.59 11.23 -4.72
N GLY A 300 -10.87 11.23 -5.09
CA GLY A 300 -11.86 10.40 -4.41
C GLY A 300 -12.74 11.26 -3.54
N ALA A 301 -12.96 10.82 -2.31
CA ALA A 301 -13.64 11.62 -1.31
C ALA A 301 -12.58 12.32 -0.50
N VAL A 302 -12.66 13.65 -0.39
CA VAL A 302 -11.57 14.40 0.25
C VAL A 302 -11.72 14.47 1.78
N ALA A 303 -10.64 14.85 2.45
CA ALA A 303 -10.63 14.93 3.91
C ALA A 303 -11.24 16.24 4.41
N LEU A 304 -11.36 17.21 3.49
CA LEU A 304 -11.87 18.54 3.81
C LEU A 304 -13.39 18.51 3.93
N LYS A 305 -13.88 18.83 5.12
CA LYS A 305 -15.33 18.87 5.40
C LYS A 305 -16.01 19.89 4.49
N SER A 306 -15.43 21.09 4.47
CA SER A 306 -15.95 22.23 3.71
C SER A 306 -16.03 22.02 2.19
N TYR A 307 -15.52 20.87 1.73
CA TYR A 307 -15.49 20.51 0.31
C TYR A 307 -16.46 19.36 0.05
N GLU A 308 -16.52 18.42 1.00
CA GLU A 308 -17.04 17.09 0.73
C GLU A 308 -18.55 16.98 0.49
N GLU A 309 -19.36 17.62 1.32
CA GLU A 309 -20.83 17.43 1.22
C GLU A 309 -21.46 17.99 -0.07
N GLU A 310 -20.94 19.12 -0.57
CA GLU A 310 -21.35 19.71 -1.85
C GLU A 310 -20.95 18.82 -3.03
N LEU A 311 -20.12 17.81 -2.75
CA LEU A 311 -19.72 16.79 -3.73
C LEU A 311 -19.93 15.36 -3.22
N ALA A 312 -21.10 15.11 -2.65
CA ALA A 312 -21.53 13.76 -2.24
C ALA A 312 -22.71 13.31 -3.12
N LYS A 313 -23.26 14.27 -3.86
CA LYS A 313 -24.24 14.02 -4.92
C LYS A 313 -23.65 13.11 -6.00
N ASP A 314 -22.44 13.45 -6.46
CA ASP A 314 -21.72 12.69 -7.48
C ASP A 314 -21.74 11.19 -7.15
N PRO A 315 -22.51 10.42 -7.94
CA PRO A 315 -22.77 9.00 -7.70
C PRO A 315 -21.53 8.10 -7.71
N ARG A 316 -20.45 8.57 -8.30
CA ARG A 316 -19.21 7.82 -8.31
C ARG A 316 -18.53 7.89 -6.94
N ILE A 317 -18.46 9.10 -6.37
CA ILE A 317 -18.00 9.29 -4.99
C ILE A 317 -18.84 8.47 -4.00
N ALA A 318 -20.15 8.51 -4.16
CA ALA A 318 -21.07 7.74 -3.32
C ALA A 318 -20.83 6.23 -3.43
N ALA A 319 -20.46 5.76 -4.62
CA ALA A 319 -20.12 4.35 -4.84
C ALA A 319 -18.76 4.00 -4.22
N THR A 320 -17.80 4.92 -4.39
CA THR A 320 -16.49 4.82 -3.77
C THR A 320 -16.70 4.67 -2.27
N MET A 321 -17.54 5.53 -1.72
CA MET A 321 -17.78 5.57 -0.28
C MET A 321 -18.54 4.35 0.27
N GLU A 322 -19.43 3.81 -0.55
CA GLU A 322 -20.16 2.60 -0.23
C GLU A 322 -19.16 1.46 -0.05
N ASN A 323 -18.26 1.30 -1.02
CA ASN A 323 -17.20 0.30 -0.94
C ASN A 323 -16.30 0.53 0.26
N ALA A 324 -15.80 1.75 0.40
CA ALA A 324 -14.99 2.15 1.54
C ALA A 324 -15.58 1.68 2.87
N GLN A 325 -16.90 1.79 3.01
CA GLN A 325 -17.56 1.42 4.26
C GLN A 325 -17.75 -0.09 4.40
N LYS A 326 -17.89 -0.80 3.27
CA LYS A 326 -17.96 -2.26 3.26
C LYS A 326 -16.60 -2.84 3.64
N GLY A 327 -15.55 -2.25 3.08
CA GLY A 327 -14.19 -2.64 3.37
C GLY A 327 -13.70 -2.11 4.70
N GLU A 328 -12.38 -2.06 4.86
CA GLU A 328 -11.78 -1.63 6.12
C GLU A 328 -10.59 -0.73 5.88
N ILE A 329 -10.43 0.25 6.76
CA ILE A 329 -9.32 1.19 6.69
C ILE A 329 -7.99 0.44 6.92
N MET A 330 -6.98 0.74 6.12
CA MET A 330 -5.68 0.11 6.28
C MET A 330 -5.02 0.51 7.61
N PRO A 331 -4.22 -0.40 8.22
CA PRO A 331 -3.35 0.01 9.32
C PRO A 331 -2.19 0.85 8.81
N ASN A 332 -1.62 1.68 9.66
CA ASN A 332 -0.43 2.47 9.29
C ASN A 332 0.85 1.86 9.85
N ILE A 333 0.68 0.95 10.80
CA ILE A 333 1.79 0.30 11.52
C ILE A 333 2.91 -0.27 10.62
N PRO A 334 4.17 -0.28 11.11
CA PRO A 334 5.31 -0.60 10.27
C PRO A 334 5.24 -1.95 9.56
N GLN A 335 4.52 -2.91 10.13
CA GLN A 335 4.50 -4.27 9.56
C GLN A 335 3.76 -4.38 8.21
N MET A 336 3.01 -3.34 7.87
CA MET A 336 2.26 -3.32 6.62
C MET A 336 3.16 -3.57 5.41
N SER A 337 4.32 -2.91 5.38
CA SER A 337 5.33 -3.14 4.37
C SER A 337 5.50 -4.64 4.09
N ALA A 338 5.64 -5.43 5.16
CA ALA A 338 5.83 -6.88 5.07
C ALA A 338 4.58 -7.59 4.57
N PHE A 339 3.42 -7.19 5.12
CA PHE A 339 2.14 -7.74 4.68
C PHE A 339 1.99 -7.69 3.16
N TRP A 340 2.22 -6.51 2.57
CA TRP A 340 2.14 -6.34 1.12
C TRP A 340 3.12 -7.24 0.40
N TYR A 341 4.35 -7.31 0.90
CA TYR A 341 5.34 -8.20 0.29
C TYR A 341 4.77 -9.60 0.30
N ALA A 342 4.36 -10.06 1.49
CA ALA A 342 3.82 -11.41 1.66
C ALA A 342 2.75 -11.73 0.63
N VAL A 343 1.75 -10.86 0.54
CA VAL A 343 0.59 -11.10 -0.29
C VAL A 343 0.88 -10.89 -1.78
N ARG A 344 1.80 -9.97 -2.10
CA ARG A 344 2.16 -9.80 -3.51
C ARG A 344 2.81 -11.06 -4.02
N THR A 345 3.81 -11.56 -3.30
CA THR A 345 4.45 -12.83 -3.64
C THR A 345 3.38 -13.92 -3.78
N ALA A 346 2.56 -14.06 -2.74
CA ALA A 346 1.53 -15.10 -2.62
C ALA A 346 0.51 -15.15 -3.76
N VAL A 347 -0.08 -14.00 -4.08
CA VAL A 347 -1.07 -13.90 -5.16
C VAL A 347 -0.42 -14.25 -6.50
N ILE A 348 0.72 -13.61 -6.77
CA ILE A 348 1.48 -13.87 -7.98
C ILE A 348 1.98 -15.33 -8.13
N ASN A 349 2.55 -15.90 -7.06
CA ASN A 349 2.97 -17.29 -7.06
C ASN A 349 1.83 -18.29 -7.27
N ALA A 350 0.62 -17.94 -6.83
CA ALA A 350 -0.54 -18.76 -7.08
C ALA A 350 -0.97 -18.60 -8.52
N ALA A 351 -1.14 -17.35 -8.95
CA ALA A 351 -1.69 -17.01 -10.27
C ALA A 351 -0.88 -17.56 -11.43
N SER A 352 0.39 -17.87 -11.17
CA SER A 352 1.29 -18.40 -12.19
C SER A 352 1.40 -19.92 -12.11
N GLY A 353 0.68 -20.53 -11.17
CA GLY A 353 0.78 -21.97 -10.95
C GLY A 353 2.10 -22.33 -10.27
N ARG A 354 3.00 -21.36 -10.20
CA ARG A 354 4.24 -21.47 -9.45
C ARG A 354 4.03 -22.26 -8.13
N GLN A 355 2.83 -22.13 -7.54
CA GLN A 355 2.50 -22.66 -6.22
C GLN A 355 0.99 -22.87 -6.07
N THR A 356 0.57 -23.73 -5.15
CA THR A 356 -0.87 -23.90 -4.86
C THR A 356 -1.32 -22.83 -3.88
N VAL A 357 -2.62 -22.58 -3.83
CA VAL A 357 -3.21 -21.60 -2.90
C VAL A 357 -2.74 -21.84 -1.46
N ASP A 358 -2.93 -23.07 -0.96
CA ASP A 358 -2.50 -23.46 0.39
C ASP A 358 -1.03 -23.15 0.59
N GLU A 359 -0.17 -23.77 -0.22
CA GLU A 359 1.26 -23.48 -0.23
C GLU A 359 1.57 -21.99 -0.24
N ALA A 360 0.96 -21.25 -1.16
CA ALA A 360 1.22 -19.83 -1.28
C ALA A 360 0.91 -19.14 0.02
N LEU A 361 -0.35 -19.19 0.46
CA LEU A 361 -0.79 -18.46 1.64
C LEU A 361 -0.13 -18.97 2.92
N LYS A 362 0.34 -20.21 2.90
CA LYS A 362 1.13 -20.71 4.02
C LYS A 362 2.35 -19.80 4.21
N ASP A 363 3.12 -19.59 3.14
CA ASP A 363 4.27 -18.69 3.18
C ASP A 363 3.80 -17.30 3.58
N ALA A 364 2.72 -16.85 2.94
CA ALA A 364 2.17 -15.50 3.17
C ALA A 364 1.96 -15.21 4.66
N GLN A 365 1.39 -16.18 5.37
CA GLN A 365 1.13 -16.07 6.80
C GLN A 365 2.42 -15.88 7.60
N THR A 366 3.46 -16.64 7.27
CA THR A 366 4.73 -16.56 7.98
C THR A 366 5.48 -15.26 7.66
N ASN A 367 5.48 -14.87 6.39
CA ASN A 367 6.14 -13.64 5.97
C ASN A 367 5.46 -12.39 6.52
N SER A 368 4.14 -12.45 6.67
CA SER A 368 3.36 -11.36 7.27
C SER A 368 3.63 -11.27 8.77
N SER A 369 3.87 -12.41 9.40
CA SER A 369 4.00 -12.46 10.84
C SER A 369 5.31 -11.86 11.31
N SER A 370 5.39 -11.66 12.63
CA SER A 370 6.59 -11.18 13.28
C SER A 370 7.62 -12.29 13.21
N VAL A 371 8.87 -11.89 13.05
CA VAL A 371 9.97 -12.82 12.89
C VAL A 371 11.00 -12.69 14.04
N PRO A 372 11.26 -13.80 14.74
CA PRO A 372 12.12 -13.80 15.94
C PRO A 372 13.61 -13.77 15.63
N GLY A 373 14.41 -13.39 16.62
CA GLY A 373 15.86 -13.24 16.46
C GLY A 373 16.33 -12.02 15.67
N ARG A 374 15.44 -11.07 15.40
CA ARG A 374 15.82 -9.81 14.77
C ARG A 374 16.84 -9.06 15.64
N GLY A 375 16.64 -9.14 16.96
CA GLY A 375 17.46 -8.43 17.92
C GLY A 375 18.91 -8.87 17.84
N SER A 376 19.09 -10.12 17.44
CA SER A 376 20.41 -10.70 17.33
C SER A 376 21.10 -10.25 16.04
N ILE A 377 20.33 -9.68 15.11
CA ILE A 377 20.81 -9.36 13.76
C ILE A 377 20.86 -7.86 13.48
N GLU A 378 19.73 -7.19 13.68
CA GLU A 378 19.62 -5.76 13.44
C GLU A 378 20.30 -4.93 14.52
N GLY A 379 20.94 -3.86 14.11
CA GLY A 379 21.50 -2.90 15.04
C GLY A 379 23.00 -2.91 15.03
N ARG A 380 23.59 -3.06 16.22
CA ARG A 380 25.04 -3.15 16.41
C ARG A 380 25.70 -4.30 15.64
N PRO A 381 25.10 -5.51 15.63
CA PRO A 381 25.77 -6.60 14.92
C PRO A 381 26.13 -6.29 13.46
N GLU A 382 25.24 -5.57 12.77
CA GLU A 382 25.45 -5.16 11.38
C GLU A 382 26.80 -4.49 11.12
N PHE A 383 27.47 -4.02 12.17
CA PHE A 383 28.79 -3.44 12.02
C PHE A 383 29.78 -4.45 11.42
N ALA A 384 29.52 -5.74 11.67
CA ALA A 384 30.38 -6.80 11.14
C ALA A 384 30.44 -6.81 9.62
N TYR A 385 29.51 -6.12 8.98
CA TYR A 385 29.42 -6.07 7.53
C TYR A 385 29.84 -4.72 6.98
N ASN A 386 30.91 -4.73 6.20
CA ASN A 386 31.38 -3.55 5.51
C ASN A 386 30.86 -3.61 4.09
N PRO A 387 29.86 -2.77 3.76
CA PRO A 387 29.18 -2.79 2.46
C PRO A 387 30.05 -2.39 1.24
N ASP A 388 31.36 -2.26 1.44
CA ASP A 388 32.25 -1.85 0.36
C ASP A 388 32.80 -3.05 -0.39
N THR A 389 33.44 -3.95 0.35
CA THR A 389 33.85 -5.24 -0.19
C THR A 389 32.67 -6.21 -0.17
N GLY A 390 31.92 -6.19 0.93
CA GLY A 390 30.79 -7.09 1.13
C GLY A 390 31.21 -8.25 2.01
N GLU A 391 32.36 -8.09 2.67
CA GLU A 391 32.89 -9.11 3.57
C GLU A 391 32.25 -8.97 4.94
N ILE A 392 32.25 -10.07 5.69
CA ILE A 392 31.70 -10.10 7.04
C ILE A 392 32.79 -10.62 7.96
N ASN A 393 33.11 -9.87 9.00
CA ASN A 393 34.00 -10.38 10.04
C ASN A 393 33.19 -11.17 11.08
N TRP A 394 33.35 -12.48 11.09
CA TRP A 394 32.63 -13.31 12.04
C TRP A 394 33.28 -13.29 13.42
N ASP A 395 34.28 -12.44 13.59
CA ASP A 395 34.98 -12.30 14.86
C ASP A 395 34.78 -10.92 15.45
N CYS A 396 34.07 -10.05 14.72
CA CYS A 396 33.71 -8.76 15.25
C CYS A 396 33.05 -8.99 16.59
N PRO A 397 33.56 -8.35 17.65
CA PRO A 397 32.92 -8.41 18.96
C PRO A 397 31.49 -7.90 18.95
N CYS A 398 31.16 -7.10 17.93
CA CYS A 398 29.80 -6.58 17.71
C CYS A 398 28.79 -7.71 17.48
N LEU A 399 29.29 -8.85 17.04
CA LEU A 399 28.44 -10.01 16.84
C LEU A 399 28.09 -10.69 18.15
N GLY A 400 28.77 -10.28 19.22
CA GLY A 400 28.57 -10.85 20.55
C GLY A 400 28.79 -12.35 20.56
N GLY A 401 29.83 -12.79 19.83
CA GLY A 401 30.25 -14.20 19.83
C GLY A 401 29.38 -15.16 19.05
N MET A 402 28.25 -14.66 18.56
CA MET A 402 27.16 -15.47 17.96
C MET A 402 27.52 -16.33 16.75
N ALA A 403 28.60 -15.99 16.06
CA ALA A 403 29.01 -16.70 14.84
C ALA A 403 29.65 -18.03 15.16
N HIS A 404 30.07 -18.21 16.41
CA HIS A 404 30.72 -19.43 16.86
C HIS A 404 29.98 -19.93 18.08
N GLY A 405 29.80 -21.24 18.18
CA GLY A 405 28.89 -21.79 19.16
C GLY A 405 27.96 -22.76 18.47
N PRO A 406 27.14 -23.50 19.24
CA PRO A 406 26.32 -24.57 18.68
C PRO A 406 25.44 -24.12 17.52
N CYS A 407 24.92 -22.90 17.59
CA CYS A 407 24.07 -22.38 16.51
C CYS A 407 24.77 -21.33 15.64
N GLY A 408 26.10 -21.31 15.70
CA GLY A 408 26.89 -20.36 14.93
C GLY A 408 26.56 -20.39 13.45
N GLU A 409 26.65 -21.57 12.85
CA GLU A 409 26.36 -21.77 11.44
C GLU A 409 25.01 -21.22 11.03
N GLU A 410 24.01 -21.45 11.87
CA GLU A 410 22.66 -20.92 11.64
C GLU A 410 22.61 -19.38 11.73
N PHE A 411 23.24 -18.82 12.76
CA PHE A 411 23.31 -17.37 12.89
C PHE A 411 23.95 -16.79 11.65
N LYS A 412 25.03 -17.41 11.16
CA LYS A 412 25.71 -16.96 9.93
C LYS A 412 24.75 -16.95 8.75
N SER A 413 23.93 -17.99 8.63
CA SER A 413 22.91 -18.06 7.58
C SER A 413 21.98 -16.85 7.64
N ALA A 414 21.39 -16.60 8.81
CA ALA A 414 20.42 -15.51 8.99
C ALA A 414 21.04 -14.12 8.80
N PHE A 415 22.13 -13.86 9.51
CA PHE A 415 22.84 -12.60 9.44
C PHE A 415 23.20 -12.21 8.01
N SER A 416 23.96 -13.08 7.35
CA SER A 416 24.48 -12.80 6.02
C SER A 416 23.33 -12.56 5.08
N CYS A 417 22.31 -13.38 5.23
CA CYS A 417 21.09 -13.22 4.48
C CYS A 417 20.55 -11.79 4.58
N PHE A 418 20.34 -11.32 5.82
CA PHE A 418 19.72 -10.00 6.08
C PHE A 418 20.63 -8.84 5.70
N VAL A 419 21.92 -9.06 5.88
CA VAL A 419 22.91 -8.04 5.64
C VAL A 419 23.12 -7.89 4.13
N TYR A 420 22.95 -9.00 3.40
CA TYR A 420 22.97 -8.97 1.94
C TYR A 420 21.60 -8.61 1.34
N SER A 421 20.56 -8.69 2.15
CA SER A 421 19.21 -8.52 1.65
C SER A 421 18.99 -7.16 1.02
N GLU A 422 18.51 -7.18 -0.22
CA GLU A 422 18.17 -5.98 -0.99
C GLU A 422 16.65 -5.82 -1.03
N ALA A 423 15.93 -6.78 -0.45
CA ALA A 423 14.46 -6.81 -0.50
C ALA A 423 13.85 -5.69 0.31
N GLU A 424 12.58 -5.39 0.00
CA GLU A 424 11.83 -4.36 0.70
C GLU A 424 10.55 -4.94 1.30
N PRO A 425 10.42 -4.89 2.64
CA PRO A 425 11.40 -4.31 3.56
C PRO A 425 12.64 -5.18 3.70
N LYS A 426 13.77 -4.57 4.09
CA LYS A 426 15.04 -5.29 4.29
C LYS A 426 14.84 -6.56 5.07
N GLY A 427 15.27 -7.67 4.48
CA GLY A 427 15.33 -8.95 5.18
C GLY A 427 14.07 -9.77 5.16
N ILE A 428 13.02 -9.25 4.52
CA ILE A 428 11.73 -9.96 4.43
C ILE A 428 11.89 -11.34 3.76
N ASP A 429 12.95 -11.48 2.98
CA ASP A 429 13.28 -12.70 2.27
C ASP A 429 14.03 -13.70 3.15
N CYS A 430 14.43 -13.27 4.34
CA CYS A 430 15.23 -14.12 5.19
C CYS A 430 14.43 -14.77 6.31
N VAL A 431 13.11 -14.77 6.19
CA VAL A 431 12.26 -15.26 7.28
C VAL A 431 12.55 -16.70 7.72
N GLU A 432 12.57 -17.64 6.78
CA GLU A 432 12.87 -19.05 7.09
C GLU A 432 14.15 -19.20 7.91
N LYS A 433 15.16 -18.41 7.56
CA LYS A 433 16.49 -18.54 8.13
C LYS A 433 16.55 -18.01 9.56
N PHE A 434 15.80 -16.95 9.80
CA PHE A 434 15.66 -16.35 11.13
C PHE A 434 14.89 -17.30 12.01
N GLN A 435 13.88 -17.95 11.42
CA GLN A 435 13.10 -18.95 12.11
C GLN A 435 13.99 -20.13 12.49
N HIS A 436 14.70 -20.66 11.50
CA HIS A 436 15.63 -21.76 11.68
C HIS A 436 16.65 -21.48 12.80
N MET A 437 17.14 -20.24 12.82
CA MET A 437 18.15 -19.81 13.79
C MET A 437 17.62 -19.78 15.22
N GLN A 438 16.45 -19.19 15.40
CA GLN A 438 15.75 -19.21 16.67
C GLN A 438 15.44 -20.67 17.06
N ASP A 439 14.97 -21.46 16.09
CA ASP A 439 14.60 -22.85 16.35
C ASP A 439 15.81 -23.60 16.85
N CYS A 440 16.99 -23.12 16.48
CA CYS A 440 18.25 -23.74 16.88
C CYS A 440 18.62 -23.35 18.31
N PHE A 441 18.45 -22.07 18.61
CA PHE A 441 18.71 -21.52 19.93
C PHE A 441 18.01 -22.35 21.00
N ARG A 442 16.89 -22.95 20.65
CA ARG A 442 16.07 -23.68 21.61
C ARG A 442 16.69 -24.97 22.13
N LYS A 443 17.49 -25.64 21.30
CA LYS A 443 18.24 -26.85 21.69
C LYS A 443 19.23 -26.56 22.82
N TYR A 444 19.62 -25.29 22.97
CA TYR A 444 20.67 -24.87 23.89
C TYR A 444 20.24 -23.64 24.66
N PRO A 445 19.21 -23.76 25.50
CA PRO A 445 18.63 -22.56 26.12
C PRO A 445 19.48 -21.96 27.26
N GLU A 446 20.24 -22.80 27.95
CA GLU A 446 21.24 -22.34 28.91
C GLU A 446 22.35 -21.52 28.22
N HIS A 447 22.56 -21.80 26.94
CA HIS A 447 23.57 -21.13 26.11
C HIS A 447 23.04 -19.78 25.62
N TYR A 448 21.86 -19.80 25.00
CA TYR A 448 21.28 -18.62 24.38
C TYR A 448 20.15 -17.98 25.19
N ALA A 449 20.46 -17.19 26.22
CA ALA A 449 19.47 -16.24 26.76
C ALA A 449 19.29 -15.05 25.78
N GLU A 450 19.19 -15.40 24.49
CA GLU A 450 18.84 -14.52 23.38
C GLU A 450 17.34 -14.64 23.18
N GLN A 451 16.68 -15.22 24.17
CA GLN A 451 15.26 -15.53 24.08
C GLN A 451 14.54 -15.14 25.37
N LEU A 452 15.32 -14.58 26.31
CA LEU A 452 14.79 -13.64 27.27
C LEU A 452 14.02 -12.69 26.36
N LYS A 453 12.70 -12.71 26.46
CA LYS A 453 11.82 -12.06 25.47
C LYS A 453 12.42 -12.05 24.05
C1 GLC B . -2.59 3.69 -5.68
C2 GLC B . -3.19 3.78 -4.27
C3 GLC B . -2.26 3.19 -3.22
C4 GLC B . -1.93 1.75 -3.60
C5 GLC B . -1.48 1.62 -5.07
C6 GLC B . -1.46 0.16 -5.49
O1 GLC B . -1.41 4.44 -5.79
O2 GLC B . -3.48 5.12 -3.93
O3 GLC B . -2.95 3.21 -1.99
O4 GLC B . -0.94 1.22 -2.73
O5 GLC B . -2.33 2.33 -5.97
O6 GLC B . -0.99 0.08 -6.82
C1 GLC B . -1.41 0.28 -1.78
C2 GLC B . -0.73 0.48 -0.44
C3 GLC B . 0.76 0.31 -0.64
C4 GLC B . 1.01 -1.11 -1.15
C5 GLC B . 0.18 -1.43 -2.38
C6 GLC B . 0.22 -2.92 -2.64
O2 GLC B . -1.05 1.75 0.08
O3 GLC B . 1.38 0.54 0.59
O4 GLC B . 2.37 -1.31 -1.46
O5 GLC B . -1.17 -1.05 -2.20
O6 GLC B . -0.75 -3.32 -3.59
#